data_4OLP
#
_entry.id   4OLP
#
_cell.length_a   117.845
_cell.length_b   117.845
_cell.length_c   76.023
_cell.angle_alpha   90.000
_cell.angle_beta   90.000
_cell.angle_gamma   120.000
#
_symmetry.space_group_name_H-M   'H 3'
#
loop_
_entity.id
_entity.type
_entity.pdbx_description
1 polymer 'GrpU microcompartment shell protein'
2 water water
#
_entity_poly.entity_id   1
_entity_poly.type   'polypeptide(L)'
_entity_poly.pdbx_seq_one_letter_code
;MKKRIINAPTLETLAMLKRRMPSESRNRLEMVRIDAIGLIMLPVPDLYFYADQASKSAHVAVSEIFGSCPQHITTLAIFG
EVAAVNEAMRIIEDDASTFLEHHHHHH
;
_entity_poly.pdbx_strand_id   A,B,C,D
#
# COMPACT_ATOMS: atom_id res chain seq x y z
N LYS A 2 7.56 -16.90 -0.70
CA LYS A 2 6.69 -16.54 -1.88
C LYS A 2 5.53 -17.55 -2.10
N LYS A 3 5.10 -17.74 -3.35
CA LYS A 3 4.02 -18.68 -3.69
C LYS A 3 4.47 -19.78 -4.66
N ARG A 4 3.78 -20.93 -4.62
CA ARG A 4 4.13 -22.12 -5.39
C ARG A 4 2.94 -23.01 -5.58
N ILE A 5 2.87 -23.68 -6.72
CA ILE A 5 1.79 -24.61 -7.00
C ILE A 5 2.36 -25.96 -7.37
N ILE A 6 1.87 -27.00 -6.72
CA ILE A 6 2.29 -28.36 -6.99
C ILE A 6 1.21 -29.01 -7.81
N ASN A 7 1.54 -29.33 -9.04
CA ASN A 7 0.63 -30.05 -9.91
C ASN A 7 0.76 -31.55 -9.70
N ALA A 8 -0.38 -32.22 -9.51
CA ALA A 8 -0.43 -33.68 -9.46
C ALA A 8 0.52 -34.20 -8.41
N PRO A 9 0.23 -33.88 -7.15
CA PRO A 9 1.16 -34.21 -6.10
C PRO A 9 1.23 -35.70 -5.83
N THR A 10 2.40 -36.16 -5.39
CA THR A 10 2.61 -37.56 -4.99
C THR A 10 1.83 -37.85 -3.72
N LEU A 11 1.70 -39.13 -3.40
CA LEU A 11 1.13 -39.54 -2.12
C LEU A 11 2.03 -39.11 -0.96
N GLU A 12 3.33 -39.34 -1.13
CA GLU A 12 4.39 -38.87 -0.23
C GLU A 12 4.36 -37.34 0.02
N THR A 13 4.06 -36.56 -1.03
CA THR A 13 3.90 -35.14 -0.86
C THR A 13 2.70 -34.82 0.04
N LEU A 14 1.58 -35.50 -0.23
CA LEU A 14 0.38 -35.35 0.59
C LEU A 14 0.67 -35.75 2.04
N ALA A 15 1.41 -36.84 2.22
CA ALA A 15 1.76 -37.32 3.56
C ALA A 15 2.58 -36.29 4.34
N MET A 16 3.50 -35.62 3.65
CA MET A 16 4.34 -34.60 4.28
C MET A 16 3.51 -33.42 4.75
N LEU A 17 2.56 -33.01 3.90
CA LEU A 17 1.69 -31.88 4.22
C LEU A 17 0.75 -32.22 5.35
N LYS A 18 0.18 -33.42 5.32
CA LYS A 18 -0.76 -33.88 6.35
C LYS A 18 -0.14 -33.88 7.73
N ARG A 19 1.12 -34.29 7.81
CA ARG A 19 1.86 -34.25 9.07
C ARG A 19 1.90 -32.83 9.63
N ARG A 20 1.86 -31.85 8.75
CA ARG A 20 2.02 -30.47 9.16
C ARG A 20 0.73 -29.66 9.20
N MET A 21 -0.41 -30.34 9.17
CA MET A 21 -1.72 -29.72 9.29
C MET A 21 -2.47 -30.19 10.55
N PRO A 22 -3.45 -29.38 11.05
CA PRO A 22 -4.36 -29.78 12.15
C PRO A 22 -5.18 -31.03 11.86
N SER A 23 -5.47 -31.82 12.90
CA SER A 23 -6.21 -33.08 12.71
C SER A 23 -7.51 -32.80 11.98
N GLU A 24 -8.16 -31.69 12.35
CA GLU A 24 -9.46 -31.33 11.80
C GLU A 24 -9.41 -31.17 10.28
N SER A 25 -8.38 -30.51 9.80
CA SER A 25 -8.20 -30.29 8.36
C SER A 25 -7.77 -31.55 7.61
N ARG A 26 -6.91 -32.32 8.26
CA ARG A 26 -6.21 -33.45 7.69
C ARG A 26 -7.20 -34.49 7.32
N ASN A 27 -8.22 -34.61 8.16
CA ASN A 27 -9.21 -35.65 7.99
C ASN A 27 -10.03 -35.37 6.73
N ARG A 28 -10.12 -34.11 6.31
CA ARG A 28 -10.77 -33.73 5.06
C ARG A 28 -9.80 -33.92 3.91
N ASP A 35 -6.02 -32.83 -9.17
CA ASP A 35 -5.49 -32.16 -7.99
C ASP A 35 -4.17 -31.38 -8.15
N ALA A 36 -4.23 -30.17 -7.63
CA ALA A 36 -3.08 -29.27 -7.43
C ALA A 36 -3.11 -28.78 -5.99
N ILE A 37 -1.95 -28.35 -5.51
CA ILE A 37 -1.82 -27.70 -4.21
C ILE A 37 -1.09 -26.36 -4.36
N GLY A 38 -1.72 -25.29 -3.91
CA GLY A 38 -1.09 -23.99 -3.92
C GLY A 38 -0.59 -23.70 -2.52
N LEU A 39 0.64 -23.25 -2.43
CA LEU A 39 1.24 -22.95 -1.16
C LEU A 39 1.65 -21.51 -1.19
N ILE A 40 1.23 -20.73 -0.21
CA ILE A 40 1.59 -19.33 -0.15
C ILE A 40 1.81 -18.88 1.28
N MET A 41 2.83 -18.07 1.48
CA MET A 41 3.20 -17.58 2.78
C MET A 41 2.53 -16.25 3.07
N LEU A 42 1.77 -16.20 4.16
CA LEU A 42 0.96 -15.06 4.49
C LEU A 42 1.07 -14.71 5.96
N PRO A 43 0.97 -13.41 6.30
CA PRO A 43 0.76 -13.04 7.71
C PRO A 43 -0.58 -13.60 8.20
N VAL A 44 -0.77 -13.75 9.50
CA VAL A 44 -1.93 -14.54 9.95
C VAL A 44 -3.27 -13.84 9.70
N PRO A 45 -3.34 -12.51 9.84
CA PRO A 45 -4.63 -11.94 9.43
C PRO A 45 -5.05 -12.27 7.99
N ASP A 46 -4.11 -12.11 7.05
CA ASP A 46 -4.36 -12.43 5.63
C ASP A 46 -4.73 -13.89 5.49
N LEU A 47 -4.07 -14.73 6.26
CA LEU A 47 -4.25 -16.17 6.16
C LEU A 47 -5.71 -16.51 6.35
N TYR A 48 -6.28 -16.06 7.45
CA TYR A 48 -7.67 -16.40 7.79
C TYR A 48 -8.64 -15.67 6.92
N PHE A 49 -8.26 -14.48 6.48
CA PHE A 49 -9.09 -13.76 5.54
C PHE A 49 -9.21 -14.56 4.25
N TYR A 50 -8.07 -14.95 3.68
CA TYR A 50 -8.09 -15.66 2.42
C TYR A 50 -8.62 -17.09 2.57
N ALA A 51 -8.45 -17.71 3.71
CA ALA A 51 -9.02 -19.08 3.93
C ALA A 51 -10.63 -19.08 4.00
N ASP A 52 -11.12 -18.03 4.63
CA ASP A 52 -12.56 -17.76 4.75
C ASP A 52 -13.17 -17.58 3.36
N GLN A 53 -12.43 -16.88 2.52
CA GLN A 53 -12.78 -16.77 1.11
C GLN A 53 -13.01 -18.16 0.53
N ALA A 54 -12.03 -19.04 0.67
CA ALA A 54 -12.13 -20.39 0.11
C ALA A 54 -13.28 -21.20 0.69
N SER A 55 -13.57 -20.99 1.97
CA SER A 55 -14.67 -21.70 2.58
C SER A 55 -15.99 -21.23 1.96
N LYS A 56 -16.02 -19.98 1.51
CA LYS A 56 -17.21 -19.45 0.81
C LYS A 56 -17.22 -19.95 -0.65
N SER A 57 -16.05 -20.30 -1.16
CA SER A 57 -15.86 -20.88 -2.50
C SER A 57 -15.87 -22.42 -2.54
N ALA A 58 -16.65 -22.96 -3.46
CA ALA A 58 -16.67 -24.39 -3.68
C ALA A 58 -15.39 -24.71 -4.43
N HIS A 59 -15.08 -25.99 -4.52
CA HIS A 59 -14.03 -26.48 -5.41
C HIS A 59 -12.60 -26.22 -4.90
N VAL A 60 -12.43 -25.52 -3.78
CA VAL A 60 -11.13 -25.57 -3.10
C VAL A 60 -11.31 -25.69 -1.59
N ALA A 61 -10.29 -26.28 -1.00
CA ALA A 61 -10.22 -26.57 0.40
C ALA A 61 -8.95 -25.88 0.88
N VAL A 62 -8.95 -25.44 2.14
CA VAL A 62 -7.81 -24.69 2.66
C VAL A 62 -7.36 -25.20 4.01
N SER A 63 -6.10 -24.94 4.30
CA SER A 63 -5.57 -25.28 5.60
C SER A 63 -4.30 -24.51 5.87
N GLU A 64 -4.04 -24.28 7.15
CA GLU A 64 -2.76 -23.76 7.56
C GLU A 64 -1.74 -24.89 7.53
N ILE A 65 -0.49 -24.54 7.23
CA ILE A 65 0.64 -25.43 7.35
C ILE A 65 1.61 -24.81 8.36
N PHE A 66 2.05 -25.61 9.33
CA PHE A 66 2.81 -25.12 10.48
C PHE A 66 4.30 -25.12 10.20
N GLY A 67 5.05 -24.25 10.88
CA GLY A 67 6.51 -24.23 10.74
C GLY A 67 7.15 -22.97 11.30
N HIS A 72 3.43 -14.05 13.53
CA HIS A 72 4.29 -14.66 12.53
C HIS A 72 3.66 -14.66 11.13
N ILE A 73 4.50 -15.06 10.18
CA ILE A 73 4.13 -15.27 8.79
C ILE A 73 4.11 -16.78 8.60
N THR A 74 2.96 -17.35 8.28
CA THR A 74 2.82 -18.82 8.19
C THR A 74 2.36 -19.19 6.76
N THR A 75 1.99 -20.44 6.54
CA THR A 75 1.69 -20.94 5.19
C THR A 75 0.25 -21.44 5.04
N LEU A 76 -0.39 -21.02 3.96
CA LEU A 76 -1.72 -21.47 3.60
C LEU A 76 -1.54 -22.44 2.46
N ALA A 77 -2.32 -23.51 2.50
CA ALA A 77 -2.31 -24.52 1.45
C ALA A 77 -3.70 -24.54 0.87
N ILE A 78 -3.78 -24.56 -0.46
CA ILE A 78 -5.04 -24.53 -1.19
C ILE A 78 -5.10 -25.80 -2.02
N PHE A 79 -6.09 -26.64 -1.74
CA PHE A 79 -6.22 -27.92 -2.42
C PHE A 79 -7.44 -27.84 -3.32
N GLY A 80 -7.29 -28.31 -4.55
CA GLY A 80 -8.43 -28.38 -5.46
C GLY A 80 -8.02 -28.73 -6.87
N GLU A 81 -8.85 -28.29 -7.80
CA GLU A 81 -8.68 -28.54 -9.21
C GLU A 81 -7.76 -27.47 -9.76
N VAL A 82 -7.06 -27.79 -10.85
CA VAL A 82 -5.97 -26.96 -11.35
C VAL A 82 -6.40 -25.53 -11.62
N ALA A 83 -7.54 -25.38 -12.29
CA ALA A 83 -8.08 -24.07 -12.60
C ALA A 83 -8.34 -23.26 -11.32
N ALA A 84 -9.03 -23.91 -10.38
CA ALA A 84 -9.44 -23.27 -9.12
C ALA A 84 -8.24 -22.82 -8.30
N VAL A 85 -7.26 -23.70 -8.18
CA VAL A 85 -6.08 -23.39 -7.39
C VAL A 85 -5.40 -22.17 -7.99
N ASN A 86 -5.22 -22.19 -9.31
CA ASN A 86 -4.63 -21.06 -10.01
C ASN A 86 -5.41 -19.76 -9.84
N GLU A 87 -6.73 -19.88 -9.95
CA GLU A 87 -7.60 -18.74 -9.71
C GLU A 87 -7.36 -18.15 -8.32
N ALA A 88 -7.26 -19.03 -7.32
CA ALA A 88 -7.12 -18.59 -5.93
C ALA A 88 -5.80 -17.87 -5.70
N MET A 89 -4.72 -18.44 -6.22
CA MET A 89 -3.39 -17.84 -6.07
C MET A 89 -3.31 -16.47 -6.73
N ARG A 90 -4.03 -16.33 -7.84
CA ARG A 90 -4.16 -15.06 -8.52
C ARG A 90 -4.88 -14.03 -7.62
N ILE A 91 -6.07 -14.38 -7.14
CA ILE A 91 -6.84 -13.52 -6.23
C ILE A 91 -6.04 -13.05 -5.03
N ILE A 92 -5.17 -13.92 -4.53
CA ILE A 92 -4.38 -13.60 -3.37
C ILE A 92 -3.27 -12.59 -3.68
N GLU A 93 -2.74 -12.64 -4.90
CA GLU A 93 -1.80 -11.61 -5.37
C GLU A 93 -2.40 -10.17 -5.43
N ASP A 94 -3.72 -10.04 -5.27
CA ASP A 94 -4.39 -8.73 -5.17
C ASP A 94 -4.95 -8.48 -3.78
N LYS B 2 -0.11 -5.43 10.98
CA LYS B 2 -0.93 -5.76 9.77
C LYS B 2 -2.31 -6.21 10.22
N LYS B 3 -3.34 -5.57 9.67
CA LYS B 3 -4.71 -5.79 10.10
C LYS B 3 -5.67 -6.23 9.00
N ARG B 4 -6.75 -6.89 9.39
CA ARG B 4 -7.67 -7.45 8.43
C ARG B 4 -9.03 -7.72 9.10
N ILE B 5 -10.10 -7.50 8.35
CA ILE B 5 -11.45 -7.65 8.88
C ILE B 5 -12.18 -8.62 8.00
N ILE B 6 -12.76 -9.64 8.62
CA ILE B 6 -13.52 -10.64 7.89
C ILE B 6 -14.97 -10.29 8.10
N ASN B 7 -15.63 -9.89 7.01
CA ASN B 7 -17.06 -9.61 7.07
C ASN B 7 -17.83 -10.89 6.83
N ALA B 8 -18.81 -11.13 7.70
CA ALA B 8 -19.73 -12.25 7.54
C ALA B 8 -18.96 -13.53 7.40
N PRO B 9 -18.29 -13.95 8.48
CA PRO B 9 -17.48 -15.14 8.41
C PRO B 9 -18.29 -16.40 8.32
N THR B 10 -17.73 -17.40 7.66
CA THR B 10 -18.30 -18.73 7.54
C THR B 10 -18.35 -19.40 8.92
N LEU B 11 -19.15 -20.45 9.06
CA LEU B 11 -19.08 -21.32 10.24
C LEU B 11 -17.71 -22.01 10.35
N GLU B 12 -17.22 -22.54 9.23
CA GLU B 12 -15.84 -23.07 9.13
C GLU B 12 -14.76 -22.08 9.53
N THR B 13 -14.94 -20.81 9.17
CA THR B 13 -13.97 -19.81 9.56
C THR B 13 -13.96 -19.68 11.09
N LEU B 14 -15.16 -19.66 11.67
CA LEU B 14 -15.29 -19.60 13.12
C LEU B 14 -14.68 -20.82 13.80
N ALA B 15 -14.91 -22.00 13.21
CA ALA B 15 -14.33 -23.23 13.70
C ALA B 15 -12.79 -23.19 13.69
N MET B 16 -12.19 -22.62 12.65
CA MET B 16 -10.74 -22.54 12.53
C MET B 16 -10.15 -21.68 13.63
N LEU B 17 -10.83 -20.56 13.89
CA LEU B 17 -10.38 -19.62 14.89
C LEU B 17 -10.56 -20.19 16.29
N LYS B 18 -11.67 -20.87 16.55
CA LYS B 18 -11.94 -21.48 17.86
C LYS B 18 -10.90 -22.51 18.24
N ARG B 19 -10.45 -23.29 17.26
CA ARG B 19 -9.35 -24.22 17.48
C ARG B 19 -8.09 -23.53 17.95
N ARG B 20 -7.92 -22.28 17.55
CA ARG B 20 -6.71 -21.57 17.88
C ARG B 20 -6.85 -20.58 19.04
N MET B 21 -7.94 -20.66 19.78
CA MET B 21 -8.08 -19.89 21.00
C MET B 21 -8.22 -20.77 22.24
N PRO B 22 -7.96 -20.20 23.43
CA PRO B 22 -8.17 -20.89 24.69
C PRO B 22 -9.59 -21.41 24.90
N SER B 23 -9.72 -22.56 25.56
CA SER B 23 -11.03 -23.17 25.77
C SER B 23 -11.98 -22.18 26.46
N GLU B 24 -11.43 -21.41 27.41
CA GLU B 24 -12.20 -20.43 28.17
C GLU B 24 -12.85 -19.35 27.30
N SER B 25 -12.10 -18.84 26.33
CA SER B 25 -12.61 -17.83 25.39
C SER B 25 -13.68 -18.40 24.48
N ARG B 26 -13.57 -19.67 24.11
CA ARG B 26 -14.56 -20.25 23.15
C ARG B 26 -16.06 -19.95 23.33
N ASN B 27 -16.55 -19.96 24.56
CA ASN B 27 -17.97 -19.65 24.84
C ASN B 27 -18.33 -18.23 24.49
N ARG B 28 -17.39 -17.31 24.66
CA ARG B 28 -17.71 -15.90 24.41
C ARG B 28 -18.25 -15.59 22.99
N LEU B 29 -18.02 -16.51 22.05
CA LEU B 29 -18.49 -16.33 20.68
C LEU B 29 -20.01 -16.47 20.49
N GLU B 30 -20.62 -17.33 21.27
CA GLU B 30 -22.06 -17.47 21.25
C GLU B 30 -22.78 -16.43 22.09
N MET B 31 -22.04 -15.59 22.80
CA MET B 31 -22.66 -14.57 23.61
C MET B 31 -22.70 -13.29 22.80
N VAL B 32 -22.21 -13.30 21.57
CA VAL B 32 -22.08 -12.05 20.79
C VAL B 32 -22.38 -12.27 19.30
N ARG B 33 -23.06 -11.30 18.68
CA ARG B 33 -23.40 -11.41 17.27
C ARG B 33 -22.16 -11.16 16.39
N ILE B 34 -21.74 -12.15 15.60
CA ILE B 34 -20.50 -11.96 14.90
C ILE B 34 -20.69 -11.60 13.45
N ASP B 35 -20.95 -10.33 13.21
CA ASP B 35 -21.06 -9.84 11.85
C ASP B 35 -19.65 -9.86 11.27
N ALA B 36 -18.67 -9.51 12.08
CA ALA B 36 -17.32 -9.34 11.60
C ALA B 36 -16.27 -9.80 12.60
N ILE B 37 -15.09 -10.09 12.08
CA ILE B 37 -13.94 -10.43 12.89
C ILE B 37 -12.76 -9.57 12.44
N GLY B 38 -12.19 -8.83 13.37
CA GLY B 38 -11.02 -8.04 13.10
C GLY B 38 -9.82 -8.80 13.62
N LEU B 39 -8.81 -8.93 12.79
CA LEU B 39 -7.61 -9.64 13.17
C LEU B 39 -6.49 -8.65 13.04
N ILE B 40 -5.72 -8.49 14.11
CA ILE B 40 -4.61 -7.58 14.09
C ILE B 40 -3.44 -8.15 14.88
N MET B 41 -2.23 -7.96 14.35
CA MET B 41 -1.03 -8.48 15.01
C MET B 41 -0.39 -7.39 15.86
N LEU B 42 -0.23 -7.69 17.14
CA LEU B 42 0.18 -6.69 18.13
C LEU B 42 1.26 -7.21 19.03
N PRO B 43 2.17 -6.32 19.49
CA PRO B 43 3.07 -6.69 20.59
C PRO B 43 2.25 -6.96 21.85
N VAL B 44 2.78 -7.70 22.80
CA VAL B 44 1.90 -8.20 23.85
C VAL B 44 1.37 -7.09 24.77
N PRO B 45 2.17 -6.05 25.07
CA PRO B 45 1.56 -5.01 25.91
C PRO B 45 0.32 -4.38 25.28
N ASP B 46 0.43 -4.05 23.99
CA ASP B 46 -0.70 -3.51 23.23
C ASP B 46 -1.87 -4.50 23.21
N LEU B 47 -1.54 -5.79 23.07
CA LEU B 47 -2.54 -6.83 22.94
C LEU B 47 -3.51 -6.80 24.12
N TYR B 48 -2.95 -6.86 25.32
CA TYR B 48 -3.76 -6.88 26.52
C TYR B 48 -4.37 -5.52 26.81
N PHE B 49 -3.69 -4.45 26.42
CA PHE B 49 -4.26 -3.12 26.56
C PHE B 49 -5.54 -3.00 25.73
N TYR B 50 -5.43 -3.35 24.46
CA TYR B 50 -6.56 -3.24 23.58
C TYR B 50 -7.63 -4.30 23.83
N ALA B 51 -7.25 -5.50 24.30
CA ALA B 51 -8.23 -6.53 24.68
C ALA B 51 -9.11 -6.05 25.81
N ASP B 52 -8.46 -5.47 26.79
CA ASP B 52 -9.11 -5.01 27.98
C ASP B 52 -10.16 -3.96 27.58
N GLN B 53 -9.76 -3.03 26.70
CA GLN B 53 -10.64 -2.04 26.14
C GLN B 53 -11.89 -2.72 25.58
N ALA B 54 -11.64 -3.66 24.67
CA ALA B 54 -12.69 -4.38 24.00
C ALA B 54 -13.57 -5.18 24.95
N SER B 55 -12.97 -5.73 25.99
CA SER B 55 -13.74 -6.51 26.94
C SER B 55 -14.69 -5.59 27.71
N LYS B 56 -14.28 -4.32 27.88
CA LYS B 56 -15.14 -3.34 28.56
C LYS B 56 -16.23 -2.87 27.62
N SER B 57 -15.97 -2.93 26.31
CA SER B 57 -16.95 -2.52 25.32
C SER B 57 -18.02 -3.58 25.11
N ALA B 58 -19.25 -3.13 24.92
CA ALA B 58 -20.34 -4.05 24.62
C ALA B 58 -20.15 -4.39 23.16
N HIS B 59 -20.83 -5.41 22.68
CA HIS B 59 -20.90 -5.71 21.26
C HIS B 59 -19.61 -6.24 20.68
N VAL B 60 -18.54 -6.37 21.46
CA VAL B 60 -17.40 -7.12 20.97
C VAL B 60 -16.89 -8.04 22.08
N ALA B 61 -16.24 -9.05 21.59
CA ALA B 61 -15.54 -10.04 22.37
C ALA B 61 -14.11 -10.10 21.81
N VAL B 62 -13.16 -10.43 22.66
CA VAL B 62 -11.76 -10.47 22.24
C VAL B 62 -11.11 -11.76 22.65
N SER B 63 -10.09 -12.13 21.91
CA SER B 63 -9.34 -13.30 22.25
C SER B 63 -7.99 -13.25 21.56
N GLU B 64 -7.04 -13.90 22.20
CA GLU B 64 -5.76 -14.14 21.62
C GLU B 64 -5.96 -15.24 20.63
N ILE B 65 -5.18 -15.20 19.56
CA ILE B 65 -5.07 -16.30 18.61
C ILE B 65 -3.61 -16.74 18.62
N PHE B 66 -3.39 -18.06 18.73
CA PHE B 66 -2.04 -18.64 18.88
C PHE B 66 -1.23 -18.84 17.57
N ILE B 73 5.25 -10.71 19.22
CA ILE B 73 4.16 -10.11 18.47
C ILE B 73 3.15 -11.21 18.13
N THR B 74 1.94 -11.17 18.70
CA THR B 74 0.91 -12.24 18.49
C THR B 74 -0.36 -11.64 17.88
N THR B 75 -1.48 -12.40 17.84
CA THR B 75 -2.71 -11.93 17.17
C THR B 75 -3.91 -11.78 18.09
N LEU B 76 -4.59 -10.64 17.96
CA LEU B 76 -5.82 -10.37 18.67
C LEU B 76 -6.94 -10.50 17.68
N ALA B 77 -8.03 -11.10 18.13
CA ALA B 77 -9.21 -11.25 17.30
C ALA B 77 -10.31 -10.49 18.02
N ILE B 78 -11.07 -9.69 17.26
CA ILE B 78 -12.15 -8.88 17.79
C ILE B 78 -13.43 -9.32 17.09
N PHE B 79 -14.37 -9.84 17.87
CA PHE B 79 -15.59 -10.38 17.33
C PHE B 79 -16.72 -9.51 17.74
N GLY B 80 -17.57 -9.19 16.78
CA GLY B 80 -18.73 -8.40 17.09
C GLY B 80 -19.44 -7.91 15.86
N GLU B 81 -20.14 -6.80 16.06
CA GLU B 81 -20.97 -6.21 15.05
C GLU B 81 -20.11 -5.29 14.19
N VAL B 82 -20.52 -5.10 12.94
CA VAL B 82 -19.65 -4.49 11.93
C VAL B 82 -19.14 -3.15 12.41
N ALA B 83 -20.05 -2.33 12.95
CA ALA B 83 -19.71 -1.00 13.43
C ALA B 83 -18.64 -1.04 14.50
N ALA B 84 -18.90 -1.89 15.50
CA ALA B 84 -18.02 -2.04 16.65
C ALA B 84 -16.63 -2.54 16.25
N VAL B 85 -16.58 -3.54 15.39
CA VAL B 85 -15.31 -4.10 14.98
C VAL B 85 -14.50 -3.03 14.26
N ASN B 86 -15.15 -2.34 13.33
CA ASN B 86 -14.52 -1.25 12.59
C ASN B 86 -14.04 -0.13 13.47
N GLU B 87 -14.88 0.27 14.42
CA GLU B 87 -14.46 1.24 15.36
C GLU B 87 -13.21 0.82 16.09
N ALA B 88 -13.15 -0.45 16.53
CA ALA B 88 -12.05 -0.95 17.34
C ALA B 88 -10.77 -0.93 16.53
N MET B 89 -10.82 -1.40 15.30
CA MET B 89 -9.63 -1.43 14.42
C MET B 89 -9.10 -0.03 14.14
N ARG B 90 -10.03 0.91 14.04
CA ARG B 90 -9.68 2.31 13.88
C ARG B 90 -8.92 2.82 15.10
N ILE B 91 -9.52 2.69 16.28
CA ILE B 91 -8.91 3.09 17.55
C ILE B 91 -7.52 2.50 17.71
N ILE B 92 -7.32 1.28 17.23
CA ILE B 92 -6.04 0.60 17.38
C ILE B 92 -4.98 1.19 16.44
N GLU B 93 -5.40 1.67 15.26
CA GLU B 93 -4.50 2.42 14.36
C GLU B 93 -3.99 3.76 14.96
N ASP B 94 -4.54 4.18 16.09
CA ASP B 94 -4.12 5.37 16.81
C ASP B 94 -3.46 5.02 18.16
N LYS C 2 8.39 13.23 8.75
CA LYS C 2 7.09 13.93 9.00
C LYS C 2 6.93 15.12 8.06
N LYS C 3 5.74 15.28 7.52
CA LYS C 3 5.40 16.54 6.91
C LYS C 3 5.32 17.62 7.99
N ARG C 4 5.42 18.88 7.56
CA ARG C 4 5.53 20.01 8.47
C ARG C 4 4.96 21.23 7.83
N ILE C 5 4.28 22.04 8.63
CA ILE C 5 3.72 23.29 8.15
C ILE C 5 4.22 24.41 9.04
N ILE C 6 4.78 25.43 8.41
CA ILE C 6 5.27 26.57 9.14
C ILE C 6 4.23 27.67 8.97
N ASN C 7 3.59 28.03 10.08
CA ASN C 7 2.65 29.14 10.06
C ASN C 7 3.40 30.46 10.23
N ALA C 8 3.10 31.43 9.38
CA ALA C 8 3.59 32.80 9.54
C ALA C 8 5.09 32.78 9.65
N PRO C 9 5.76 32.38 8.56
CA PRO C 9 7.19 32.19 8.60
C PRO C 9 7.92 33.51 8.72
N THR C 10 9.07 33.44 9.35
CA THR C 10 10.00 34.52 9.49
C THR C 10 10.53 34.93 8.11
N LEU C 11 11.06 36.14 8.00
CA LEU C 11 11.72 36.60 6.79
C LEU C 11 12.97 35.75 6.55
N GLU C 12 13.73 35.52 7.63
CA GLU C 12 14.89 34.62 7.60
C GLU C 12 14.54 33.21 7.18
N THR C 13 13.39 32.71 7.59
CA THR C 13 12.96 31.39 7.18
C THR C 13 12.74 31.39 5.68
N LEU C 14 12.09 32.43 5.16
CA LEU C 14 11.90 32.57 3.72
C LEU C 14 13.24 32.67 3.00
N ALA C 15 14.15 33.45 3.55
CA ALA C 15 15.47 33.61 2.96
C ALA C 15 16.22 32.26 2.87
N MET C 16 16.09 31.44 3.90
CA MET C 16 16.79 30.16 3.95
C MET C 16 16.28 29.23 2.89
N LEU C 17 14.96 29.25 2.73
CA LEU C 17 14.32 28.42 1.72
C LEU C 17 14.62 28.87 0.31
N LYS C 18 14.57 30.18 0.07
CA LYS C 18 14.83 30.73 -1.26
C LYS C 18 16.22 30.38 -1.75
N ARG C 19 17.20 30.39 -0.83
CA ARG C 19 18.56 30.03 -1.18
C ARG C 19 18.61 28.61 -1.72
N ARG C 20 17.68 27.78 -1.26
CA ARG C 20 17.72 26.37 -1.56
C ARG C 20 16.73 25.96 -2.66
N MET C 21 16.17 26.94 -3.38
CA MET C 21 15.35 26.66 -4.56
C MET C 21 15.90 27.26 -5.85
N PRO C 22 15.44 26.77 -7.01
CA PRO C 22 15.82 27.29 -8.32
C PRO C 22 15.44 28.76 -8.53
N SER C 23 16.25 29.49 -9.30
CA SER C 23 16.00 30.93 -9.50
C SER C 23 14.60 31.13 -10.07
N GLU C 24 14.19 30.22 -10.94
CA GLU C 24 12.88 30.32 -11.63
C GLU C 24 11.74 30.30 -10.64
N SER C 25 11.84 29.44 -9.64
CA SER C 25 10.81 29.35 -8.59
C SER C 25 10.84 30.50 -7.61
N ARG C 26 12.06 30.91 -7.24
CA ARG C 26 12.28 31.81 -6.14
C ARG C 26 11.72 33.18 -6.58
N ASN C 27 11.72 33.42 -7.88
CA ASN C 27 11.11 34.63 -8.42
C ASN C 27 9.57 34.63 -8.37
N ARG C 28 8.93 33.50 -8.61
CA ARG C 28 7.47 33.40 -8.54
C ARG C 28 6.96 33.60 -7.11
N LEU C 29 7.83 33.43 -6.11
CA LEU C 29 7.40 33.59 -4.72
C LEU C 29 7.19 35.04 -4.33
N GLU C 30 8.00 35.92 -4.89
CA GLU C 30 7.84 37.37 -4.74
C GLU C 30 6.42 37.79 -5.15
N MET C 31 5.88 37.04 -6.12
CA MET C 31 4.54 37.23 -6.71
C MET C 31 3.35 36.63 -5.92
N VAL C 32 3.56 35.99 -4.76
CA VAL C 32 2.48 35.29 -4.04
C VAL C 32 2.48 35.60 -2.54
N ARG C 33 1.29 35.51 -1.93
CA ARG C 33 1.05 35.74 -0.48
C ARG C 33 1.22 34.52 0.44
N ILE C 34 2.19 34.57 1.38
CA ILE C 34 2.62 33.39 2.16
C ILE C 34 2.29 33.40 3.66
N ASP C 35 1.08 32.96 3.98
CA ASP C 35 0.70 32.75 5.36
C ASP C 35 1.43 31.53 5.90
N ALA C 36 1.58 30.50 5.07
CA ALA C 36 2.13 29.25 5.54
C ALA C 36 3.02 28.59 4.52
N ILE C 37 3.89 27.72 5.00
CA ILE C 37 4.72 26.88 4.15
C ILE C 37 4.62 25.42 4.57
N GLY C 38 4.26 24.56 3.64
CA GLY C 38 4.19 23.16 3.91
C GLY C 38 5.45 22.53 3.35
N LEU C 39 6.09 21.70 4.16
CA LEU C 39 7.29 21.01 3.74
C LEU C 39 7.06 19.53 3.90
N ILE C 40 7.33 18.77 2.85
CA ILE C 40 7.11 17.34 2.90
C ILE C 40 8.19 16.66 2.07
N MET C 41 8.71 15.55 2.59
CA MET C 41 9.76 14.81 1.90
C MET C 41 9.18 13.69 1.06
N LEU C 42 9.53 13.72 -0.23
CA LEU C 42 8.92 12.85 -1.21
C LEU C 42 9.98 12.29 -2.15
N PRO C 43 9.78 11.05 -2.62
CA PRO C 43 10.58 10.56 -3.76
C PRO C 43 10.30 11.43 -4.99
N VAL C 44 11.20 11.45 -5.98
CA VAL C 44 11.05 12.46 -7.04
C VAL C 44 9.82 12.24 -7.94
N PRO C 45 9.47 10.99 -8.25
CA PRO C 45 8.21 10.88 -9.01
C PRO C 45 7.01 11.53 -8.31
N ASP C 46 6.83 11.22 -7.03
CA ASP C 46 5.74 11.81 -6.23
C ASP C 46 5.85 13.31 -6.22
N LEU C 47 7.09 13.79 -6.12
CA LEU C 47 7.35 15.22 -6.01
C LEU C 47 6.73 16.00 -7.18
N TYR C 48 7.05 15.59 -8.39
CA TYR C 48 6.53 16.26 -9.56
C TYR C 48 5.08 15.98 -9.78
N PHE C 49 4.62 14.79 -9.39
CA PHE C 49 3.21 14.47 -9.48
C PHE C 49 2.41 15.43 -8.59
N TYR C 50 2.81 15.54 -7.34
CA TYR C 50 2.10 16.41 -6.43
C TYR C 50 2.35 17.90 -6.66
N ALA C 51 3.52 18.27 -7.16
CA ALA C 51 3.75 19.68 -7.51
C ALA C 51 2.70 20.06 -8.54
N ASP C 52 2.55 19.20 -9.54
CA ASP C 52 1.64 19.43 -10.63
C ASP C 52 0.20 19.45 -10.11
N GLN C 53 -0.10 18.48 -9.26
CA GLN C 53 -1.41 18.39 -8.63
C GLN C 53 -1.80 19.65 -7.86
N ALA C 54 -0.90 20.15 -7.02
CA ALA C 54 -1.08 21.42 -6.33
C ALA C 54 -1.31 22.57 -7.30
N SER C 55 -0.61 22.53 -8.43
CA SER C 55 -0.71 23.56 -9.47
C SER C 55 -2.06 23.42 -10.21
N LYS C 56 -2.70 22.25 -10.17
CA LYS C 56 -4.04 22.08 -10.74
C LYS C 56 -5.11 22.68 -9.81
N SER C 57 -4.80 22.77 -8.53
CA SER C 57 -5.69 23.47 -7.58
C SER C 57 -5.52 25.00 -7.74
N ALA C 58 -4.31 25.43 -8.10
CA ALA C 58 -4.00 26.82 -8.44
C ALA C 58 -4.05 27.67 -7.18
N HIS C 59 -4.43 27.03 -6.08
CA HIS C 59 -4.41 27.64 -4.77
C HIS C 59 -3.02 27.86 -4.11
N VAL C 60 -1.95 27.21 -4.59
CA VAL C 60 -0.64 27.31 -3.95
C VAL C 60 0.53 27.30 -4.93
N ALA C 61 1.70 27.75 -4.45
CA ALA C 61 2.90 27.82 -5.28
C ALA C 61 3.76 26.68 -4.75
N VAL C 62 4.51 26.04 -5.63
CA VAL C 62 5.31 24.87 -5.25
C VAL C 62 6.73 24.99 -5.73
N SER C 63 7.62 24.33 -5.02
CA SER C 63 8.98 24.28 -5.42
C SER C 63 9.69 23.13 -4.75
N GLU C 64 10.70 22.63 -5.43
CA GLU C 64 11.61 21.69 -4.85
C GLU C 64 12.56 22.45 -3.94
N ILE C 65 13.00 21.79 -2.88
CA ILE C 65 14.04 22.28 -2.01
C ILE C 65 15.17 21.26 -2.09
N PHE C 66 16.38 21.74 -2.31
CA PHE C 66 17.53 20.89 -2.56
C PHE C 66 18.17 20.44 -1.26
N ILE C 73 15.24 11.02 -2.52
CA ILE C 73 14.10 11.51 -1.76
C ILE C 73 14.40 12.96 -1.41
N THR C 74 13.62 13.89 -1.96
CA THR C 74 13.91 15.31 -1.79
C THR C 74 12.71 15.98 -1.13
N THR C 75 12.71 17.30 -1.10
CA THR C 75 11.68 18.05 -0.37
C THR C 75 10.86 18.97 -1.26
N LEU C 76 9.55 18.95 -1.07
CA LEU C 76 8.63 19.83 -1.75
C LEU C 76 8.21 20.85 -0.75
N ALA C 77 8.12 22.10 -1.20
CA ALA C 77 7.65 23.19 -0.37
C ALA C 77 6.39 23.73 -1.03
N ILE C 78 5.36 23.98 -0.22
CA ILE C 78 4.09 24.49 -0.69
C ILE C 78 3.83 25.83 0.01
N PHE C 79 3.73 26.89 -0.79
CA PHE C 79 3.58 28.24 -0.24
C PHE C 79 2.21 28.73 -0.56
N GLY C 80 1.56 29.34 0.41
CA GLY C 80 0.30 29.97 0.17
C GLY C 80 -0.40 30.37 1.44
N GLU C 81 -1.72 30.38 1.34
CA GLU C 81 -2.59 30.77 2.42
C GLU C 81 -2.86 29.55 3.26
N VAL C 82 -3.17 29.79 4.53
CA VAL C 82 -3.22 28.71 5.52
C VAL C 82 -4.14 27.60 5.09
N ALA C 83 -5.32 27.96 4.63
CA ALA C 83 -6.32 26.98 4.19
C ALA C 83 -5.78 26.13 3.06
N ALA C 84 -5.24 26.81 2.06
CA ALA C 84 -4.73 26.15 0.86
C ALA C 84 -3.58 25.20 1.16
N VAL C 85 -2.65 25.65 1.99
CA VAL C 85 -1.50 24.83 2.33
C VAL C 85 -1.97 23.56 3.03
N ASN C 86 -2.86 23.74 4.00
CA ASN C 86 -3.43 22.60 4.72
C ASN C 86 -4.18 21.65 3.80
N GLU C 87 -4.95 22.22 2.87
CA GLU C 87 -5.61 21.40 1.84
C GLU C 87 -4.63 20.54 1.07
N ALA C 88 -3.52 21.14 0.66
CA ALA C 88 -2.54 20.44 -0.16
C ALA C 88 -1.85 19.30 0.61
N MET C 89 -1.46 19.58 1.84
CA MET C 89 -0.81 18.56 2.67
C MET C 89 -1.75 17.38 2.93
N ARG C 90 -3.05 17.68 3.03
CA ARG C 90 -4.10 16.67 3.16
C ARG C 90 -4.10 15.75 1.94
N ILE C 91 -4.27 16.35 0.77
CA ILE C 91 -4.27 15.62 -0.50
C ILE C 91 -3.05 14.71 -0.67
N ILE C 92 -1.90 15.16 -0.17
CA ILE C 92 -0.66 14.40 -0.30
C ILE C 92 -0.63 13.20 0.64
N GLU C 93 -1.27 13.33 1.79
CA GLU C 93 -1.47 12.17 2.68
C GLU C 93 -2.31 11.02 2.07
N ASP C 94 -2.96 11.25 0.93
CA ASP C 94 -3.68 10.19 0.19
C ASP C 94 -2.98 9.87 -1.13
N LYS D 2 9.97 2.96 -7.62
CA LYS D 2 8.70 3.67 -7.31
C LYS D 2 8.35 4.58 -8.50
N LYS D 3 7.14 4.40 -9.05
CA LYS D 3 6.75 5.01 -10.33
C LYS D 3 5.53 5.91 -10.26
N ARG D 4 5.43 6.85 -11.21
CA ARG D 4 4.34 7.82 -11.26
C ARG D 4 4.15 8.33 -12.68
N ILE D 5 2.90 8.60 -13.03
CA ILE D 5 2.57 9.14 -14.33
C ILE D 5 1.78 10.39 -14.13
N ILE D 6 2.23 11.45 -14.78
CA ILE D 6 1.54 12.73 -14.70
C ILE D 6 0.77 12.89 -15.98
N ASN D 7 -0.56 12.87 -15.88
CA ASN D 7 -1.43 13.09 -17.02
C ASN D 7 -1.63 14.58 -17.22
N ALA D 8 -1.45 15.04 -18.45
CA ALA D 8 -1.73 16.41 -18.82
C ALA D 8 -1.00 17.36 -17.90
N PRO D 9 0.34 17.34 -17.96
CA PRO D 9 1.13 18.18 -17.08
C PRO D 9 1.00 19.67 -17.35
N THR D 10 1.14 20.46 -16.29
CA THR D 10 1.15 21.92 -16.32
C THR D 10 2.38 22.41 -17.09
N LEU D 11 2.35 23.66 -17.53
CA LEU D 11 3.53 24.28 -18.13
C LEU D 11 4.62 24.43 -17.08
N GLU D 12 4.23 24.88 -15.90
CA GLU D 12 5.12 24.90 -14.71
C GLU D 12 5.72 23.54 -14.34
N THR D 13 4.96 22.47 -14.48
CA THR D 13 5.50 21.15 -14.23
C THR D 13 6.60 20.84 -15.24
N LEU D 14 6.34 21.15 -16.51
CA LEU D 14 7.34 20.98 -17.55
C LEU D 14 8.57 21.82 -17.27
N ALA D 15 8.35 23.06 -16.84
CA ALA D 15 9.45 23.96 -16.52
C ALA D 15 10.33 23.41 -15.40
N MET D 16 9.71 22.82 -14.39
CA MET D 16 10.45 22.25 -13.26
C MET D 16 11.34 21.09 -13.71
N LEU D 17 10.78 20.25 -14.58
CA LEU D 17 11.51 19.09 -15.09
C LEU D 17 12.65 19.50 -15.98
N LYS D 18 12.40 20.48 -16.86
CA LYS D 18 13.42 20.98 -17.79
C LYS D 18 14.63 21.55 -17.07
N ARG D 19 14.39 22.26 -15.97
CA ARG D 19 15.48 22.77 -15.14
C ARG D 19 16.34 21.60 -14.63
N ARG D 20 15.77 20.41 -14.49
CA ARG D 20 16.48 19.30 -13.87
C ARG D 20 16.93 18.22 -14.88
N MET D 21 16.93 18.60 -16.17
CA MET D 21 17.56 17.78 -17.20
C MET D 21 18.69 18.53 -17.92
N PRO D 22 19.56 17.79 -18.63
CA PRO D 22 20.65 18.39 -19.40
C PRO D 22 20.16 19.35 -20.49
N SER D 23 20.91 20.41 -20.75
CA SER D 23 20.49 21.42 -21.71
C SER D 23 20.21 20.78 -23.05
N GLU D 24 21.04 19.81 -23.41
CA GLU D 24 20.93 19.11 -24.70
C GLU D 24 19.57 18.43 -24.85
N SER D 25 19.12 17.74 -23.80
CA SER D 25 17.85 17.00 -23.85
C SER D 25 16.65 17.95 -23.87
N ARG D 26 16.75 19.12 -23.25
CA ARG D 26 15.59 20.06 -23.24
C ARG D 26 14.66 20.17 -24.49
N ASN D 27 15.23 20.15 -25.67
CA ASN D 27 14.44 20.22 -26.90
C ASN D 27 14.15 18.89 -27.54
N ARG D 33 3.21 17.59 -27.81
CA ARG D 33 2.88 16.18 -27.95
C ARG D 33 2.74 15.41 -26.62
N ILE D 34 3.07 16.10 -25.53
CA ILE D 34 3.29 15.50 -24.21
C ILE D 34 1.96 15.42 -23.48
N ASP D 35 1.23 14.35 -23.74
CA ASP D 35 0.00 14.09 -23.01
C ASP D 35 0.37 13.69 -21.59
N ALA D 36 1.44 12.90 -21.45
CA ALA D 36 1.78 12.36 -20.15
C ALA D 36 3.28 12.30 -19.92
N ILE D 37 3.66 12.27 -18.64
CA ILE D 37 5.05 12.07 -18.23
C ILE D 37 5.13 10.94 -17.22
N GLY D 38 5.95 9.95 -17.52
CA GLY D 38 6.15 8.84 -16.61
C GLY D 38 7.47 9.09 -15.89
N LEU D 39 7.46 8.95 -14.58
CA LEU D 39 8.66 9.13 -13.80
C LEU D 39 8.90 7.88 -13.02
N ILE D 40 10.09 7.33 -13.15
CA ILE D 40 10.42 6.09 -12.46
C ILE D 40 11.87 6.13 -11.99
N MET D 41 12.11 5.64 -10.78
CA MET D 41 13.44 5.63 -10.21
C MET D 41 14.14 4.28 -10.47
N LEU D 42 15.31 4.34 -11.09
CA LEU D 42 16.00 3.14 -11.58
C LEU D 42 17.49 3.21 -11.27
N PRO D 43 18.14 2.05 -11.06
CA PRO D 43 19.61 1.99 -11.03
C PRO D 43 20.14 2.35 -12.41
N VAL D 44 21.40 2.76 -12.53
CA VAL D 44 21.81 3.36 -13.80
C VAL D 44 21.85 2.36 -14.95
N PRO D 45 22.26 1.11 -14.71
CA PRO D 45 22.23 0.20 -15.88
C PRO D 45 20.83 0.07 -16.46
N ASP D 46 19.84 -0.11 -15.59
CA ASP D 46 18.44 -0.20 -16.01
C ASP D 46 18.03 1.06 -16.73
N LEU D 47 18.47 2.20 -16.21
CA LEU D 47 18.08 3.50 -16.73
C LEU D 47 18.38 3.60 -18.21
N TYR D 48 19.63 3.35 -18.56
CA TYR D 48 20.03 3.44 -19.95
C TYR D 48 19.46 2.33 -20.79
N PHE D 49 19.29 1.15 -20.19
CA PHE D 49 18.71 0.03 -20.89
C PHE D 49 17.29 0.40 -21.30
N TYR D 50 16.51 0.85 -20.32
CA TYR D 50 15.12 1.19 -20.60
C TYR D 50 14.95 2.50 -21.37
N ALA D 51 15.83 3.47 -21.17
CA ALA D 51 15.78 4.66 -21.96
C ALA D 51 15.77 4.22 -23.36
N ASP D 52 16.73 3.40 -23.71
CA ASP D 52 16.92 3.01 -25.07
C ASP D 52 15.70 2.19 -25.52
N GLN D 53 15.28 1.23 -24.71
CA GLN D 53 14.14 0.35 -25.02
C GLN D 53 12.82 1.09 -25.26
N ALA D 54 12.41 1.89 -24.29
CA ALA D 54 11.15 2.60 -24.35
C ALA D 54 11.07 3.51 -25.55
N SER D 55 12.19 4.11 -25.91
CA SER D 55 12.21 4.99 -27.06
C SER D 55 11.95 4.18 -28.32
N LYS D 56 12.36 2.90 -28.32
CA LYS D 56 12.19 2.03 -29.48
C LYS D 56 10.85 1.36 -29.53
N SER D 57 10.53 0.72 -28.42
CA SER D 57 9.44 -0.23 -28.37
C SER D 57 8.11 0.44 -28.07
N ALA D 58 8.13 1.49 -27.24
CA ALA D 58 6.95 2.21 -26.75
C ALA D 58 6.60 3.58 -27.41
N HIS D 59 7.51 4.12 -28.20
CA HIS D 59 7.35 5.43 -28.84
C HIS D 59 7.26 6.70 -27.97
N VAL D 60 8.39 6.98 -27.36
CA VAL D 60 8.45 8.03 -26.36
C VAL D 60 9.84 8.64 -26.27
N ALA D 61 9.89 9.82 -25.65
CA ALA D 61 11.11 10.56 -25.57
C ALA D 61 11.52 10.28 -24.16
N VAL D 62 12.81 10.19 -23.93
CA VAL D 62 13.32 9.88 -22.62
C VAL D 62 14.42 10.80 -22.19
N SER D 63 14.57 10.92 -20.88
CA SER D 63 15.65 11.70 -20.34
C SER D 63 15.89 11.35 -18.89
N GLU D 64 17.12 11.61 -18.47
CA GLU D 64 17.54 11.45 -17.11
C GLU D 64 17.08 12.74 -16.36
N ILE D 65 16.66 12.56 -15.11
CA ILE D 65 16.34 13.67 -14.20
C ILE D 65 17.33 13.56 -13.04
N PHE D 66 17.97 14.67 -12.70
CA PHE D 66 19.04 14.65 -11.70
C PHE D 66 18.58 14.52 -10.23
N THR D 75 16.58 9.03 -11.75
CA THR D 75 15.22 9.08 -12.27
C THR D 75 15.19 9.18 -13.80
N LEU D 76 14.31 8.37 -14.41
CA LEU D 76 14.05 8.42 -15.83
C LEU D 76 12.70 9.08 -15.99
N ALA D 77 12.60 9.95 -17.00
CA ALA D 77 11.36 10.61 -17.35
C ALA D 77 11.02 10.19 -18.76
N ILE D 78 9.75 9.83 -18.98
CA ILE D 78 9.26 9.33 -20.25
C ILE D 78 8.18 10.28 -20.69
N PHE D 79 8.39 10.93 -21.82
CA PHE D 79 7.44 11.92 -22.33
C PHE D 79 6.79 11.35 -23.58
N GLY D 80 5.47 11.51 -23.67
CA GLY D 80 4.79 11.15 -24.88
C GLY D 80 3.30 11.16 -24.74
N GLU D 81 2.67 10.32 -25.55
CA GLU D 81 1.23 10.18 -25.57
C GLU D 81 0.83 9.20 -24.51
N VAL D 82 -0.42 9.31 -24.06
CA VAL D 82 -0.86 8.57 -22.89
C VAL D 82 -0.67 7.07 -23.04
N ALA D 83 -1.05 6.55 -24.19
CA ALA D 83 -0.92 5.13 -24.47
C ALA D 83 0.55 4.70 -24.38
N ALA D 84 1.40 5.44 -25.08
CA ALA D 84 2.82 5.12 -25.16
C ALA D 84 3.52 5.18 -23.79
N VAL D 85 3.22 6.21 -23.03
CA VAL D 85 3.82 6.34 -21.71
C VAL D 85 3.43 5.15 -20.86
N ASN D 86 2.14 4.81 -20.87
CA ASN D 86 1.63 3.66 -20.12
C ASN D 86 2.26 2.36 -20.60
N GLU D 87 2.40 2.22 -21.90
CA GLU D 87 3.08 1.05 -22.44
C GLU D 87 4.50 0.93 -21.91
N ALA D 88 5.21 2.05 -21.85
CA ALA D 88 6.59 2.04 -21.41
C ALA D 88 6.70 1.66 -19.93
N MET D 89 5.86 2.24 -19.10
CA MET D 89 5.84 1.93 -17.67
C MET D 89 5.53 0.46 -17.43
N ARG D 90 4.68 -0.09 -18.29
CA ARG D 90 4.37 -1.52 -18.28
C ARG D 90 5.62 -2.35 -18.54
N ILE D 91 6.25 -2.10 -19.69
CA ILE D 91 7.46 -2.79 -20.10
C ILE D 91 8.53 -2.77 -19.00
N ILE D 92 8.60 -1.65 -18.27
CA ILE D 92 9.59 -1.48 -17.22
C ILE D 92 9.27 -2.33 -16.01
N GLU D 93 7.99 -2.55 -15.72
CA GLU D 93 7.59 -3.48 -14.64
C GLU D 93 7.96 -4.97 -14.90
N ASP D 94 8.42 -5.30 -16.12
CA ASP D 94 8.93 -6.64 -16.43
C ASP D 94 10.44 -6.71 -16.69
#